data_2IFW
#
_entry.id   2IFW
#
_cell.length_a   46.563
_cell.length_b   55.211
_cell.length_c   151.672
_cell.angle_alpha   90.00
_cell.angle_beta   90.00
_cell.angle_gamma   90.00
#
_symmetry.space_group_name_H-M   'P 21 21 21'
#
loop_
_entity.id
_entity.type
_entity.pdbx_description
1 polymer 'Scytalidopepsin B'
2 polymer Heptapeptide
3 non-polymer 'ACETIC ACID'
4 non-polymer GLYCEROL
5 water water
#
loop_
_entity_poly.entity_id
_entity_poly.type
_entity_poly.pdbx_seq_one_letter_code
_entity_poly.pdbx_strand_id
1 'polypeptide(L)'
;TVESNWGGAILIGSDFDTVSATANVPSASGGSSAAGTAWVGIDGDTCQTAILQTGFDWYGDGTYDAWYEWYPEVSDDFSG
ITISEGDSIQMSVTATSDTSGSATLENLTTGQKVSKSFSNESSGSLCRTNAEFIIEDFEECNSNGSDCEFVPFASFSPAV
EFTDCSVTSDGESVSLDDAQITQVIINNQDVTDCSVSGTTVSCSYV
;
A,B
2 'polypeptide(L)' (ACE)FKF(PSA)L(AAR) C,D
#
# COMPACT_ATOMS: atom_id res chain seq x y z
N THR A 1 1.58 -12.52 7.26
CA THR A 1 0.71 -11.57 8.00
C THR A 1 -0.08 -10.64 7.06
N VAL A 2 -0.34 -9.40 7.47
CA VAL A 2 -1.09 -8.46 6.66
C VAL A 2 -0.29 -7.81 5.55
N GLU A 3 -0.59 -8.13 4.30
CA GLU A 3 0.10 -7.51 3.19
C GLU A 3 -0.63 -6.25 2.73
N SER A 4 -1.95 -6.30 2.61
CA SER A 4 -2.74 -5.15 2.22
C SER A 4 -3.73 -4.91 3.34
N ASN A 5 -3.66 -3.75 4.02
CA ASN A 5 -4.55 -3.44 5.13
C ASN A 5 -5.75 -2.57 4.78
N TRP A 6 -5.84 -2.08 3.55
CA TRP A 6 -6.95 -1.25 3.13
C TRP A 6 -7.88 -2.04 2.17
N GLY A 7 -9.18 -1.90 2.33
CA GLY A 7 -10.11 -2.56 1.42
C GLY A 7 -11.11 -1.48 1.04
N GLY A 8 -11.39 -1.33 -0.26
CA GLY A 8 -12.36 -0.33 -0.67
C GLY A 8 -12.00 0.47 -1.91
N ALA A 9 -12.54 1.68 -1.99
CA ALA A 9 -12.31 2.55 -3.11
C ALA A 9 -11.33 3.68 -2.87
N ILE A 10 -10.33 3.81 -3.71
CA ILE A 10 -9.35 4.88 -3.57
C ILE A 10 -9.27 5.69 -4.87
N LEU A 11 -9.52 7.00 -4.81
CA LEU A 11 -9.44 7.84 -5.99
C LEU A 11 -8.12 8.59 -5.97
N ILE A 12 -7.38 8.57 -7.07
CA ILE A 12 -6.13 9.27 -7.12
C ILE A 12 -6.33 10.53 -7.97
N GLY A 13 -6.20 11.70 -7.36
CA GLY A 13 -6.38 12.93 -8.10
C GLY A 13 -5.61 14.07 -7.46
N SER A 14 -6.26 15.24 -7.37
CA SER A 14 -5.64 16.38 -6.77
C SER A 14 -6.69 17.34 -6.24
N ASP A 15 -6.30 18.24 -5.35
CA ASP A 15 -7.18 19.23 -4.75
C ASP A 15 -8.51 18.69 -4.21
N PHE A 16 -8.50 17.49 -3.63
CA PHE A 16 -9.72 16.92 -3.05
C PHE A 16 -10.15 17.79 -1.89
N ASP A 17 -11.44 18.12 -1.79
CA ASP A 17 -11.96 18.96 -0.72
C ASP A 17 -12.87 18.19 0.21
N THR A 18 -13.80 17.40 -0.32
CA THR A 18 -14.73 16.66 0.54
C THR A 18 -14.99 15.21 0.15
N VAL A 19 -15.16 14.36 1.15
CA VAL A 19 -15.44 12.96 0.95
C VAL A 19 -16.54 12.63 1.95
N SER A 20 -17.65 12.04 1.49
CA SER A 20 -18.74 11.69 2.40
C SER A 20 -19.48 10.43 1.97
N ALA A 21 -20.07 9.75 2.93
CA ALA A 21 -20.81 8.55 2.68
C ALA A 21 -21.55 8.16 3.96
N THR A 22 -22.42 7.17 3.87
CA THR A 22 -23.15 6.68 4.99
C THR A 22 -22.81 5.20 4.99
N ALA A 23 -22.66 4.60 6.17
CA ALA A 23 -22.32 3.22 6.21
C ALA A 23 -23.00 2.55 7.38
N ASN A 24 -23.25 1.26 7.28
CA ASN A 24 -23.91 0.54 8.34
C ASN A 24 -22.96 -0.16 9.31
N VAL A 25 -23.34 -0.25 10.57
CA VAL A 25 -22.53 -0.90 11.56
C VAL A 25 -22.81 -2.40 11.56
N PRO A 26 -21.81 -3.23 11.24
CA PRO A 26 -22.00 -4.69 11.22
C PRO A 26 -21.70 -5.29 12.57
N SER A 27 -21.90 -6.61 12.69
CA SER A 27 -21.60 -7.31 13.91
C SER A 27 -20.21 -7.91 13.68
N ALA A 28 -19.48 -8.22 14.74
CA ALA A 28 -18.16 -8.74 14.59
C ALA A 28 -17.84 -9.86 15.56
N SER A 29 -16.97 -10.79 15.17
CA SER A 29 -16.56 -11.88 16.02
C SER A 29 -15.09 -12.18 15.72
N GLY A 30 -14.50 -13.15 16.40
CA GLY A 30 -13.11 -13.46 16.15
C GLY A 30 -12.26 -13.37 17.39
N GLY A 31 -12.87 -12.95 18.50
CA GLY A 31 -12.13 -12.82 19.74
C GLY A 31 -12.20 -11.39 20.25
N SER A 32 -11.95 -11.23 21.55
CA SER A 32 -11.98 -9.94 22.20
C SER A 32 -11.15 -8.88 21.51
N SER A 33 -9.95 -9.24 21.07
CA SER A 33 -9.06 -8.29 20.42
C SER A 33 -9.24 -8.12 18.92
N ALA A 34 -9.95 -9.00 18.23
CA ALA A 34 -10.12 -8.88 16.80
C ALA A 34 -10.83 -7.58 16.50
N ALA A 35 -10.55 -6.93 15.38
CA ALA A 35 -11.20 -5.69 15.11
C ALA A 35 -11.28 -5.33 13.62
N GLY A 36 -11.93 -4.22 13.33
CA GLY A 36 -12.05 -3.76 11.96
C GLY A 36 -12.64 -2.37 12.05
N THR A 37 -12.58 -1.61 10.97
CA THR A 37 -13.15 -0.27 10.99
C THR A 37 -13.60 0.20 9.62
N ALA A 38 -14.51 1.17 9.57
CA ALA A 38 -14.96 1.70 8.29
C ALA A 38 -14.83 3.22 8.36
N TRP A 39 -14.24 3.85 7.34
CA TRP A 39 -14.09 5.29 7.38
C TRP A 39 -13.92 5.92 6.05
N VAL A 40 -13.94 7.26 6.05
CA VAL A 40 -13.75 8.03 4.86
C VAL A 40 -12.61 9.00 5.14
N GLY A 41 -11.82 9.30 4.13
CA GLY A 41 -10.73 10.23 4.36
C GLY A 41 -10.06 10.70 3.09
N ILE A 42 -9.06 11.54 3.30
CA ILE A 42 -8.25 12.11 2.25
C ILE A 42 -6.79 11.79 2.54
N ASP A 43 -6.09 11.29 1.54
CA ASP A 43 -4.69 10.93 1.62
C ASP A 43 -4.44 9.64 2.39
N GLY A 44 -3.19 9.20 2.45
CA GLY A 44 -2.90 7.97 3.17
C GLY A 44 -2.43 6.85 2.26
N ASP A 45 -2.67 6.97 0.96
CA ASP A 45 -2.26 5.95 0.01
C ASP A 45 -1.01 6.39 -0.75
N THR A 46 -1.12 7.24 -1.77
CA THR A 46 0.08 7.67 -2.47
C THR A 46 0.70 8.80 -1.66
N CYS A 47 -0.14 9.52 -0.93
CA CYS A 47 0.32 10.61 -0.10
C CYS A 47 0.50 9.99 1.29
N GLN A 48 1.72 9.93 1.80
CA GLN A 48 1.95 9.30 3.06
C GLN A 48 2.21 10.22 4.22
N THR A 49 2.20 11.53 3.98
CA THR A 49 2.47 12.48 5.04
C THR A 49 1.31 12.75 5.98
N ALA A 50 0.09 12.47 5.58
CA ALA A 50 -1.04 12.73 6.45
C ALA A 50 -2.32 12.10 5.98
N ILE A 51 -3.31 12.10 6.85
CA ILE A 51 -4.60 11.59 6.53
C ILE A 51 -5.61 12.35 7.37
N LEU A 52 -6.65 12.85 6.74
CA LEU A 52 -7.79 13.49 7.36
C LEU A 52 -8.86 12.39 7.31
N GLN A 53 -9.37 11.90 8.41
CA GLN A 53 -10.29 10.81 8.33
C GLN A 53 -11.17 10.64 9.57
N THR A 54 -12.29 9.93 9.41
CA THR A 54 -13.18 9.68 10.50
C THR A 54 -14.06 8.48 10.17
N GLY A 55 -14.47 7.72 11.17
CA GLY A 55 -15.31 6.57 10.92
C GLY A 55 -15.55 5.90 12.26
N PHE A 56 -15.89 4.61 12.24
CA PHE A 56 -16.12 3.91 13.49
C PHE A 56 -15.44 2.57 13.42
N ASP A 57 -15.07 1.98 14.54
CA ASP A 57 -14.43 0.71 14.50
C ASP A 57 -15.26 -0.31 15.27
N TRP A 58 -14.95 -1.59 15.14
CA TRP A 58 -15.67 -2.64 15.82
C TRP A 58 -14.71 -3.66 16.37
N TYR A 59 -15.00 -4.17 17.57
CA TYR A 59 -14.17 -5.18 18.19
C TYR A 59 -14.92 -6.49 18.40
N GLY A 60 -14.18 -7.61 18.43
CA GLY A 60 -14.80 -8.91 18.60
C GLY A 60 -15.56 -9.09 19.91
N ASP A 61 -15.34 -8.19 20.86
CA ASP A 61 -16.02 -8.29 22.14
C ASP A 61 -17.37 -7.58 22.11
N GLY A 62 -17.84 -7.22 20.92
CA GLY A 62 -19.13 -6.56 20.82
C GLY A 62 -19.11 -5.06 21.02
N THR A 63 -17.95 -4.47 21.33
CA THR A 63 -17.85 -3.03 21.51
C THR A 63 -17.65 -2.26 20.19
N TYR A 64 -17.81 -0.94 20.22
CA TYR A 64 -17.64 -0.11 19.06
C TYR A 64 -17.00 1.23 19.46
N ASP A 65 -16.54 2.02 18.51
CA ASP A 65 -15.95 3.32 18.79
C ASP A 65 -16.11 4.21 17.55
N ALA A 66 -16.51 5.46 17.72
CA ALA A 66 -16.59 6.41 16.61
C ALA A 66 -15.29 7.21 16.79
N TRP A 67 -14.62 7.62 15.74
CA TRP A 67 -13.36 8.33 15.93
C TRP A 67 -12.95 9.28 14.83
N TYR A 68 -11.87 10.02 15.07
CA TYR A 68 -11.37 10.94 14.08
C TYR A 68 -9.85 10.91 14.18
N GLU A 69 -9.15 11.24 13.09
CA GLU A 69 -7.73 11.25 13.18
C GLU A 69 -7.06 12.11 12.12
N TRP A 70 -5.98 12.78 12.49
CA TRP A 70 -5.23 13.50 11.53
C TRP A 70 -3.87 12.80 11.62
N TYR A 71 -3.73 11.70 10.87
CA TYR A 71 -2.49 10.98 10.84
C TYR A 71 -1.43 12.05 10.46
N PRO A 72 -0.19 11.93 10.97
CA PRO A 72 0.39 10.91 11.85
C PRO A 72 0.08 11.03 13.33
N GLU A 73 -0.79 11.93 13.74
CA GLU A 73 -1.14 12.07 15.13
C GLU A 73 -2.01 10.84 15.47
N VAL A 74 -2.03 10.39 16.73
CA VAL A 74 -2.81 9.25 17.13
C VAL A 74 -4.31 9.58 16.99
N SER A 75 -5.15 8.60 16.72
CA SER A 75 -6.57 8.86 16.61
C SER A 75 -7.17 9.20 17.97
N ASP A 76 -8.43 9.62 17.99
CA ASP A 76 -9.09 9.93 19.20
C ASP A 76 -10.56 9.54 19.10
N ASP A 77 -11.14 8.98 20.16
CA ASP A 77 -12.54 8.60 20.11
C ASP A 77 -13.51 9.76 20.43
N PHE A 78 -14.66 9.78 19.78
CA PHE A 78 -15.64 10.82 20.03
C PHE A 78 -16.42 10.45 21.30
N SER A 79 -16.83 11.46 22.09
CA SER A 79 -17.56 11.21 23.33
C SER A 79 -19.08 11.33 23.22
N GLY A 80 -19.63 12.12 22.32
CA GLY A 80 -21.08 12.26 22.33
C GLY A 80 -21.87 11.45 21.33
N ILE A 81 -21.62 10.15 21.27
CA ILE A 81 -22.33 9.35 20.31
C ILE A 81 -22.15 7.87 20.58
N THR A 82 -23.12 7.06 20.17
CA THR A 82 -23.04 5.64 20.39
C THR A 82 -23.09 4.91 19.05
N ILE A 83 -22.43 3.78 18.97
CA ILE A 83 -22.42 2.99 17.76
C ILE A 83 -22.98 1.61 18.13
N SER A 84 -24.02 1.18 17.43
CA SER A 84 -24.64 -0.10 17.70
C SER A 84 -24.90 -0.87 16.42
N GLU A 85 -24.81 -2.20 16.48
CA GLU A 85 -25.05 -3.03 15.32
C GLU A 85 -26.28 -2.53 14.59
N GLY A 86 -26.21 -2.39 13.28
CA GLY A 86 -27.36 -1.93 12.53
C GLY A 86 -27.50 -0.43 12.33
N ASP A 87 -26.81 0.38 13.14
CA ASP A 87 -26.90 1.83 13.01
C ASP A 87 -26.42 2.26 11.63
N SER A 88 -26.85 3.43 11.17
CA SER A 88 -26.43 3.96 9.89
C SER A 88 -25.63 5.23 10.22
N ILE A 89 -24.35 5.27 9.84
CA ILE A 89 -23.52 6.41 10.16
C ILE A 89 -23.07 7.29 9.01
N GLN A 90 -23.52 8.54 8.98
CA GLN A 90 -23.09 9.43 7.95
C GLN A 90 -21.70 9.94 8.37
N MET A 91 -20.70 9.81 7.50
CA MET A 91 -19.36 10.26 7.84
C MET A 91 -18.83 11.16 6.74
N SER A 92 -18.07 12.19 7.09
CA SER A 92 -17.54 13.08 6.09
C SER A 92 -16.36 13.89 6.60
N VAL A 93 -15.43 14.23 5.72
CA VAL A 93 -14.31 15.03 6.11
C VAL A 93 -14.22 16.16 5.11
N THR A 94 -13.62 17.27 5.50
CA THR A 94 -13.47 18.42 4.63
C THR A 94 -12.10 19.02 4.87
N ALA A 95 -11.28 19.06 3.81
CA ALA A 95 -9.95 19.63 3.91
C ALA A 95 -10.07 21.08 3.44
N THR A 96 -9.61 22.03 4.25
CA THR A 96 -9.70 23.42 3.88
C THR A 96 -8.35 23.96 3.48
N SER A 97 -7.30 23.15 3.63
CA SER A 97 -5.95 23.53 3.26
C SER A 97 -5.10 22.31 3.56
N ASP A 98 -3.80 22.35 3.30
CA ASP A 98 -2.97 21.19 3.58
C ASP A 98 -2.82 20.95 5.09
N THR A 99 -3.16 21.94 5.91
CA THR A 99 -3.04 21.79 7.34
C THR A 99 -4.31 22.09 8.11
N SER A 100 -5.45 22.20 7.46
CA SER A 100 -6.67 22.46 8.19
C SER A 100 -7.85 21.72 7.61
N GLY A 101 -8.91 21.54 8.40
CA GLY A 101 -10.10 20.86 7.93
C GLY A 101 -11.05 20.51 9.06
N SER A 102 -11.95 19.56 8.81
CA SER A 102 -12.89 19.13 9.82
C SER A 102 -13.46 17.74 9.50
N ALA A 103 -14.01 17.09 10.52
CA ALA A 103 -14.57 15.80 10.36
C ALA A 103 -15.90 15.77 11.07
N THR A 104 -16.89 15.10 10.50
CA THR A 104 -18.16 15.02 11.13
C THR A 104 -18.68 13.59 11.11
N LEU A 105 -19.27 13.15 12.21
CA LEU A 105 -19.81 11.81 12.30
C LEU A 105 -21.27 11.93 12.75
N GLU A 106 -22.20 11.47 11.94
CA GLU A 106 -23.58 11.57 12.32
C GLU A 106 -24.27 10.22 12.35
N ASN A 107 -24.82 9.84 13.51
CA ASN A 107 -25.51 8.60 13.60
C ASN A 107 -26.96 8.85 13.16
N LEU A 108 -27.30 8.48 11.92
CA LEU A 108 -28.64 8.69 11.42
C LEU A 108 -29.68 7.85 12.19
N THR A 109 -29.24 6.85 12.94
CA THR A 109 -30.12 6.03 13.70
C THR A 109 -30.47 6.69 15.04
N THR A 110 -29.48 7.23 15.76
CA THR A 110 -29.72 7.86 17.04
C THR A 110 -29.78 9.39 16.95
N GLY A 111 -29.70 9.96 15.75
CA GLY A 111 -29.74 11.40 15.60
C GLY A 111 -28.58 12.14 16.24
N GLN A 112 -27.65 11.41 16.84
CA GLN A 112 -26.49 12.03 17.47
C GLN A 112 -25.48 12.47 16.42
N LYS A 113 -24.77 13.56 16.69
CA LYS A 113 -23.83 14.11 15.76
C LYS A 113 -22.64 14.75 16.49
N VAL A 114 -21.41 14.36 16.12
CA VAL A 114 -20.22 14.90 16.73
C VAL A 114 -19.35 15.53 15.63
N SER A 115 -18.37 16.36 16.00
CA SER A 115 -17.55 17.01 15.01
C SER A 115 -16.18 17.41 15.56
N LYS A 116 -15.20 17.62 14.69
CA LYS A 116 -13.85 18.02 15.11
C LYS A 116 -13.22 18.87 14.04
N SER A 117 -12.54 19.95 14.43
CA SER A 117 -11.88 20.80 13.48
C SER A 117 -10.38 20.74 13.66
N PHE A 118 -9.65 20.95 12.57
CA PHE A 118 -8.20 20.91 12.58
C PHE A 118 -7.62 22.19 12.00
N SER A 119 -6.61 22.77 12.65
CA SER A 119 -5.98 23.99 12.18
C SER A 119 -4.48 23.92 12.40
N ASN A 120 -3.71 24.49 11.48
CA ASN A 120 -2.26 24.50 11.59
C ASN A 120 -1.70 23.22 12.18
N GLU A 121 -2.12 22.08 11.66
CA GLU A 121 -1.64 20.82 12.11
C GLU A 121 -0.17 20.72 11.72
N SER A 122 0.72 20.55 12.68
CA SER A 122 2.13 20.47 12.39
C SER A 122 2.61 19.06 12.14
N SER A 123 2.00 18.07 12.77
CA SER A 123 2.39 16.68 12.61
C SER A 123 2.69 16.31 11.15
N GLY A 124 1.80 16.65 10.23
CA GLY A 124 2.01 16.34 8.83
C GLY A 124 1.06 17.14 7.95
N SER A 125 1.40 17.28 6.68
CA SER A 125 0.56 18.03 5.75
C SER A 125 -0.08 17.13 4.72
N LEU A 126 -1.35 17.40 4.40
CA LEU A 126 -2.08 16.65 3.42
C LEU A 126 -1.55 16.99 2.04
N CYS A 127 -1.71 16.12 1.05
CA CYS A 127 -1.29 16.44 -0.29
C CYS A 127 -2.63 16.62 -0.99
N ARG A 128 -3.67 15.96 -0.49
CA ARG A 128 -5.01 16.03 -1.03
C ARG A 128 -5.06 15.36 -2.39
N THR A 129 -4.22 14.34 -2.57
CA THR A 129 -4.16 13.60 -3.80
C THR A 129 -4.89 12.23 -3.72
N ASN A 130 -5.47 11.89 -2.57
CA ASN A 130 -6.17 10.63 -2.41
C ASN A 130 -7.49 10.90 -1.70
N ALA A 131 -8.53 10.13 -2.04
CA ALA A 131 -9.84 10.23 -1.42
C ALA A 131 -10.26 8.76 -1.34
N GLU A 132 -10.87 8.32 -0.24
CA GLU A 132 -11.19 6.92 -0.14
C GLU A 132 -12.33 6.51 0.79
N PHE A 133 -12.84 5.30 0.59
CA PHE A 133 -13.88 4.72 1.40
C PHE A 133 -13.23 3.38 1.74
N ILE A 134 -12.87 3.20 3.01
CA ILE A 134 -12.11 2.06 3.44
C ILE A 134 -12.63 1.21 4.60
N ILE A 135 -12.30 -0.07 4.53
CA ILE A 135 -12.54 -1.06 5.57
C ILE A 135 -11.11 -1.48 5.92
N GLU A 136 -10.65 -1.22 7.14
CA GLU A 136 -9.23 -1.43 7.38
C GLU A 136 -8.81 -2.33 8.54
N ASP A 137 -7.72 -3.05 8.34
CA ASP A 137 -7.13 -3.81 9.43
C ASP A 137 -6.15 -2.77 9.98
N PHE A 138 -6.53 -2.10 11.09
CA PHE A 138 -5.70 -1.02 11.63
C PHE A 138 -4.69 -1.48 12.65
N GLU A 139 -3.98 -0.55 13.28
CA GLU A 139 -3.00 -0.96 14.24
C GLU A 139 -3.11 -0.35 15.63
N GLU A 140 -2.42 -0.93 16.59
CA GLU A 140 -2.36 -0.45 17.95
C GLU A 140 -0.89 -0.31 18.33
N CYS A 141 -0.50 0.85 18.84
CA CYS A 141 0.87 1.11 19.24
C CYS A 141 0.83 1.78 20.60
N ASN A 142 1.98 2.28 21.06
CA ASN A 142 2.04 3.03 22.29
C ASN A 142 1.73 4.50 21.90
N SER A 143 1.54 5.40 22.88
CA SER A 143 1.22 6.82 22.60
C SER A 143 2.05 7.43 21.47
N ASN A 144 3.36 7.20 21.53
CA ASN A 144 4.31 7.68 20.57
C ASN A 144 3.90 7.36 19.14
N GLY A 145 3.78 6.08 18.81
CA GLY A 145 3.43 5.68 17.48
C GLY A 145 4.39 4.59 17.03
N SER A 146 5.12 4.01 17.98
CA SER A 146 6.04 2.93 17.69
C SER A 146 5.55 1.65 18.37
N ASP A 147 6.30 0.56 18.28
CA ASP A 147 5.89 -0.70 18.88
C ASP A 147 4.46 -1.03 18.41
N CYS A 148 4.18 -0.88 17.11
CA CYS A 148 2.85 -1.12 16.59
C CYS A 148 2.57 -2.55 16.20
N GLU A 149 1.30 -2.90 16.18
CA GLU A 149 0.88 -4.22 15.82
C GLU A 149 -0.41 -4.10 15.08
N PHE A 150 -0.59 -4.84 14.01
CA PHE A 150 -1.83 -4.81 13.35
C PHE A 150 -2.77 -5.64 14.20
N VAL A 151 -3.99 -5.21 14.36
CA VAL A 151 -4.92 -5.94 15.12
C VAL A 151 -5.42 -7.16 14.33
N PRO A 152 -5.91 -8.19 15.03
CA PRO A 152 -6.42 -9.37 14.33
C PRO A 152 -7.63 -8.85 13.55
N PHE A 153 -7.81 -9.26 12.30
CA PHE A 153 -8.91 -8.75 11.55
C PHE A 153 -10.22 -9.49 11.84
N ALA A 154 -11.15 -8.82 12.50
CA ALA A 154 -12.40 -9.40 12.87
C ALA A 154 -13.30 -9.76 11.70
N SER A 155 -13.94 -10.92 11.76
CA SER A 155 -14.85 -11.28 10.70
C SER A 155 -16.05 -10.40 10.98
N PHE A 156 -16.82 -10.03 9.98
CA PHE A 156 -17.96 -9.22 10.25
C PHE A 156 -19.09 -9.53 9.30
N SER A 157 -20.29 -9.01 9.57
CA SER A 157 -21.44 -9.23 8.71
C SER A 157 -22.62 -8.46 9.27
N PRO A 158 -23.52 -8.00 8.40
CA PRO A 158 -23.40 -8.21 6.96
C PRO A 158 -22.32 -7.35 6.32
N ALA A 159 -22.26 -7.37 4.99
CA ALA A 159 -21.34 -6.61 4.25
C ALA A 159 -21.49 -5.14 4.64
N VAL A 160 -20.38 -4.43 4.86
CA VAL A 160 -20.45 -3.03 5.19
C VAL A 160 -20.55 -2.30 3.86
N GLU A 161 -21.49 -1.39 3.71
CA GLU A 161 -21.66 -0.67 2.47
C GLU A 161 -21.66 0.83 2.63
N PHE A 162 -20.87 1.50 1.80
CA PHE A 162 -20.78 2.92 1.81
C PHE A 162 -21.79 3.37 0.77
N THR A 163 -22.81 4.14 1.17
CA THR A 163 -23.82 4.60 0.24
C THR A 163 -23.77 6.11 0.01
N ASP A 164 -24.33 6.58 -1.10
CA ASP A 164 -24.29 8.00 -1.41
C ASP A 164 -22.85 8.51 -1.31
N CYS A 165 -21.91 7.75 -1.86
CA CYS A 165 -20.53 8.15 -1.81
C CYS A 165 -20.32 9.45 -2.57
N SER A 166 -19.66 10.42 -1.95
CA SER A 166 -19.45 11.68 -2.59
C SER A 166 -18.04 12.20 -2.43
N VAL A 167 -17.43 12.66 -3.51
CA VAL A 167 -16.10 13.21 -3.48
C VAL A 167 -16.08 14.48 -4.31
N THR A 168 -15.29 15.46 -3.92
CA THR A 168 -15.24 16.67 -4.68
C THR A 168 -13.82 17.17 -4.80
N SER A 169 -13.41 17.55 -6.01
CA SER A 169 -12.09 18.06 -6.25
C SER A 169 -12.23 19.52 -6.62
N ASP A 170 -12.11 20.42 -5.64
CA ASP A 170 -12.24 21.84 -5.89
C ASP A 170 -13.71 22.19 -6.12
N GLY A 171 -14.62 21.60 -5.35
CA GLY A 171 -16.04 21.91 -5.51
C GLY A 171 -16.81 21.05 -6.51
N GLU A 172 -16.10 20.39 -7.43
CA GLU A 172 -16.75 19.57 -8.45
C GLU A 172 -16.87 18.09 -8.05
N SER A 173 -18.04 17.48 -8.20
CA SER A 173 -18.19 16.09 -7.86
C SER A 173 -17.22 15.28 -8.72
N VAL A 174 -16.61 14.23 -8.17
CA VAL A 174 -15.68 13.42 -8.93
C VAL A 174 -16.28 12.04 -9.12
N SER A 175 -16.00 11.41 -10.25
CA SER A 175 -16.52 10.10 -10.56
C SER A 175 -15.91 8.96 -9.75
N LEU A 176 -16.77 8.13 -9.16
CA LEU A 176 -16.34 7.00 -8.38
C LEU A 176 -15.90 5.92 -9.37
N ASP A 177 -16.06 6.18 -10.66
CA ASP A 177 -15.71 5.22 -11.71
C ASP A 177 -14.21 5.14 -11.99
N ASP A 178 -13.43 6.14 -11.59
CA ASP A 178 -12.01 6.07 -11.83
C ASP A 178 -11.32 5.48 -10.62
N ALA A 179 -12.06 5.26 -9.54
CA ALA A 179 -11.52 4.73 -8.31
C ALA A 179 -10.82 3.39 -8.47
N GLN A 180 -9.74 3.19 -7.72
CA GLN A 180 -9.00 1.95 -7.73
C GLN A 180 -9.64 1.06 -6.68
N ILE A 181 -9.57 -0.26 -6.81
CA ILE A 181 -10.16 -1.13 -5.82
C ILE A 181 -9.09 -1.93 -5.10
N THR A 182 -9.11 -1.93 -3.78
CA THR A 182 -8.15 -2.66 -3.03
C THR A 182 -8.88 -3.62 -2.10
N GLN A 183 -8.20 -4.67 -1.67
CA GLN A 183 -8.79 -5.64 -0.79
C GLN A 183 -7.87 -5.83 0.41
N VAL A 184 -8.43 -6.13 1.57
CA VAL A 184 -7.64 -6.40 2.72
C VAL A 184 -7.10 -7.81 2.41
N ILE A 185 -5.79 -7.99 2.38
CA ILE A 185 -5.21 -9.28 2.08
C ILE A 185 -4.30 -9.68 3.21
N ILE A 186 -4.51 -10.88 3.75
CA ILE A 186 -3.71 -11.38 4.83
C ILE A 186 -3.14 -12.75 4.48
N ASN A 187 -1.83 -12.92 4.58
CA ASN A 187 -1.21 -14.19 4.23
C ASN A 187 -1.49 -14.51 2.77
N ASN A 188 -1.50 -13.46 1.96
CA ASN A 188 -1.70 -13.55 0.53
C ASN A 188 -3.08 -14.07 0.11
N GLN A 189 -4.07 -13.85 0.97
CA GLN A 189 -5.44 -14.26 0.72
C GLN A 189 -6.33 -13.07 0.98
N ASP A 190 -7.37 -12.88 0.18
CA ASP A 190 -8.29 -11.78 0.40
C ASP A 190 -9.18 -12.09 1.60
N VAL A 191 -9.47 -11.12 2.47
CA VAL A 191 -10.33 -11.37 3.59
C VAL A 191 -11.51 -10.44 3.46
N THR A 192 -11.53 -9.67 2.37
CA THR A 192 -12.65 -8.79 2.07
C THR A 192 -12.92 -8.96 0.57
N ASP A 193 -14.10 -8.57 0.13
CA ASP A 193 -14.47 -8.63 -1.25
C ASP A 193 -15.18 -7.31 -1.43
N CYS A 194 -14.41 -6.28 -1.75
CA CYS A 194 -14.94 -4.96 -1.92
C CYS A 194 -15.22 -4.67 -3.40
N SER A 195 -16.25 -3.86 -3.67
CA SER A 195 -16.60 -3.54 -5.04
C SER A 195 -17.37 -2.25 -5.12
N VAL A 196 -17.24 -1.56 -6.23
CA VAL A 196 -17.93 -0.32 -6.46
C VAL A 196 -19.04 -0.53 -7.50
N SER A 197 -20.17 0.15 -7.31
CA SER A 197 -21.27 0.05 -8.22
C SER A 197 -22.10 1.30 -7.98
N GLY A 198 -22.15 2.21 -8.95
CA GLY A 198 -22.91 3.43 -8.77
C GLY A 198 -22.21 4.28 -7.73
N THR A 199 -22.97 4.74 -6.74
CA THR A 199 -22.43 5.57 -5.68
C THR A 199 -22.29 4.72 -4.42
N THR A 200 -22.21 3.41 -4.59
CA THR A 200 -22.09 2.50 -3.48
C THR A 200 -20.79 1.67 -3.50
N VAL A 201 -20.05 1.68 -2.40
CA VAL A 201 -18.84 0.90 -2.28
C VAL A 201 -19.28 -0.19 -1.31
N SER A 202 -19.18 -1.45 -1.71
CA SER A 202 -19.65 -2.54 -0.88
C SER A 202 -18.55 -3.53 -0.54
N CYS A 203 -18.36 -3.82 0.75
CA CYS A 203 -17.33 -4.75 1.17
C CYS A 203 -17.85 -5.84 2.09
N SER A 204 -17.66 -7.10 1.73
CA SER A 204 -18.09 -8.17 2.62
C SER A 204 -16.87 -8.96 3.09
N TYR A 205 -16.99 -9.64 4.22
CA TYR A 205 -15.91 -10.39 4.74
C TYR A 205 -15.80 -11.71 3.99
N VAL A 206 -14.58 -12.15 3.68
CA VAL A 206 -14.36 -13.39 2.97
C VAL A 206 -13.61 -14.39 3.83
N THR B 1 4.87 -2.36 13.47
CA THR B 1 5.64 -3.10 12.43
C THR B 1 5.68 -2.36 11.07
N VAL B 2 5.66 -3.11 9.97
CA VAL B 2 5.74 -2.53 8.64
C VAL B 2 4.44 -2.01 8.07
N GLU B 3 4.25 -0.69 7.97
CA GLU B 3 3.04 -0.14 7.38
C GLU B 3 3.18 -0.01 5.87
N SER B 4 4.33 0.43 5.37
CA SER B 4 4.53 0.57 3.92
C SER B 4 5.80 -0.18 3.56
N ASN B 5 5.69 -1.27 2.82
CA ASN B 5 6.83 -2.11 2.43
C ASN B 5 7.48 -1.79 1.08
N TRP B 6 6.92 -0.87 0.30
CA TRP B 6 7.53 -0.53 -0.97
C TRP B 6 8.09 0.88 -0.86
N GLY B 7 9.28 1.09 -1.41
CA GLY B 7 9.84 2.42 -1.40
C GLY B 7 10.25 2.66 -2.83
N GLY B 8 9.93 3.83 -3.37
CA GLY B 8 10.33 4.09 -4.75
C GLY B 8 9.29 4.75 -5.61
N ALA B 9 9.38 4.50 -6.91
CA ALA B 9 8.49 5.10 -7.87
C ALA B 9 7.49 4.13 -8.53
N ILE B 10 6.21 4.46 -8.45
CA ILE B 10 5.15 3.63 -9.02
C ILE B 10 4.36 4.45 -10.06
N LEU B 11 4.21 3.92 -11.26
CA LEU B 11 3.45 4.59 -12.31
C LEU B 11 2.09 3.91 -12.44
N ILE B 12 1.00 4.67 -12.36
CA ILE B 12 -0.30 4.08 -12.49
C ILE B 12 -0.86 4.42 -13.87
N GLY B 13 -1.06 3.40 -14.71
CA GLY B 13 -1.58 3.64 -16.04
C GLY B 13 -2.18 2.37 -16.61
N SER B 14 -1.85 2.07 -17.86
CA SER B 14 -2.38 0.90 -18.49
C SER B 14 -1.52 0.41 -19.64
N ASP B 15 -1.70 -0.85 -20.02
CA ASP B 15 -0.95 -1.45 -21.10
C ASP B 15 0.57 -1.32 -20.95
N PHE B 16 1.09 -1.43 -19.73
CA PHE B 16 2.53 -1.33 -19.54
C PHE B 16 3.19 -2.53 -20.22
N ASP B 17 4.27 -2.28 -20.95
CA ASP B 17 4.95 -3.34 -21.66
C ASP B 17 6.31 -3.63 -21.08
N THR B 18 7.15 -2.62 -20.92
CA THR B 18 8.49 -2.81 -20.40
C THR B 18 8.94 -1.81 -19.33
N VAL B 19 9.76 -2.30 -18.38
CA VAL B 19 10.27 -1.46 -17.31
C VAL B 19 11.73 -1.87 -17.15
N SER B 20 12.66 -0.93 -17.22
CA SER B 20 14.05 -1.28 -17.10
C SER B 20 14.90 -0.21 -16.41
N ALA B 21 16.04 -0.61 -15.84
CA ALA B 21 16.91 0.33 -15.17
C ALA B 21 18.18 -0.38 -14.74
N THR B 22 19.15 0.39 -14.26
CA THR B 22 20.40 -0.15 -13.78
C THR B 22 20.54 0.33 -12.33
N ALA B 23 20.90 -0.54 -11.41
CA ALA B 23 21.02 -0.15 -10.01
C ALA B 23 22.26 -0.72 -9.37
N ASN B 24 22.80 -0.03 -8.37
CA ASN B 24 23.98 -0.46 -7.67
C ASN B 24 23.73 -1.34 -6.44
N VAL B 25 24.59 -2.33 -6.20
CA VAL B 25 24.46 -3.22 -5.08
C VAL B 25 25.14 -2.59 -3.87
N PRO B 26 24.38 -2.25 -2.81
CA PRO B 26 24.93 -1.63 -1.61
C PRO B 26 25.42 -2.62 -0.58
N SER B 27 25.97 -2.13 0.52
CA SER B 27 26.40 -2.98 1.61
C SER B 27 25.26 -2.96 2.66
N ALA B 28 25.05 -4.06 3.38
CA ALA B 28 24.01 -4.10 4.35
C ALA B 28 24.48 -4.56 5.71
N SER B 29 23.77 -4.19 6.76
CA SER B 29 24.13 -4.62 8.08
C SER B 29 22.87 -4.76 8.91
N GLY B 30 22.97 -5.23 10.16
CA GLY B 30 21.77 -5.32 10.95
C GLY B 30 21.41 -6.72 11.42
N GLY B 31 22.17 -7.72 10.99
CA GLY B 31 21.86 -9.07 11.43
C GLY B 31 21.71 -10.06 10.31
N SER B 32 22.06 -11.31 10.61
CA SER B 32 21.98 -12.38 9.64
C SER B 32 20.65 -12.43 8.92
N SER B 33 19.57 -12.10 9.61
CA SER B 33 18.26 -12.16 9.00
C SER B 33 17.71 -10.83 8.48
N ALA B 34 18.38 -9.71 8.74
CA ALA B 34 17.86 -8.47 8.25
C ALA B 34 18.07 -8.50 6.74
N ALA B 35 17.23 -7.83 5.97
CA ALA B 35 17.36 -7.86 4.52
C ALA B 35 16.72 -6.68 3.81
N GLY B 36 16.84 -6.68 2.47
CA GLY B 36 16.28 -5.65 1.63
C GLY B 36 16.48 -6.10 0.20
N THR B 37 15.79 -5.47 -0.74
CA THR B 37 15.92 -5.86 -2.12
C THR B 37 15.60 -4.70 -3.05
N ALA B 38 16.18 -4.71 -4.24
CA ALA B 38 15.90 -3.66 -5.23
C ALA B 38 15.45 -4.36 -6.51
N TRP B 39 14.34 -3.94 -7.10
CA TRP B 39 13.84 -4.57 -8.33
C TRP B 39 12.96 -3.69 -9.23
N VAL B 40 12.65 -4.20 -10.42
CA VAL B 40 11.79 -3.50 -11.36
C VAL B 40 10.64 -4.46 -11.68
N GLY B 41 9.46 -3.93 -12.00
CA GLY B 41 8.35 -4.82 -12.30
C GLY B 41 7.03 -4.16 -12.65
N ILE B 42 6.04 -5.01 -12.96
CA ILE B 42 4.70 -4.58 -13.35
C ILE B 42 3.59 -5.08 -12.42
N ASP B 43 2.74 -4.18 -11.94
CA ASP B 43 1.65 -4.50 -11.04
C ASP B 43 2.17 -4.79 -9.63
N GLY B 44 1.27 -4.93 -8.68
CA GLY B 44 1.67 -5.20 -7.32
C GLY B 44 1.05 -4.17 -6.42
N ASP B 45 0.75 -3.00 -6.98
CA ASP B 45 0.16 -1.91 -6.21
C ASP B 45 -1.37 -1.87 -6.28
N THR B 46 -1.92 -1.27 -7.33
CA THR B 46 -3.36 -1.19 -7.48
C THR B 46 -3.83 -2.54 -8.02
N CYS B 47 -3.01 -3.16 -8.87
CA CYS B 47 -3.29 -4.46 -9.42
C CYS B 47 -2.74 -5.45 -8.40
N GLN B 48 -3.58 -6.22 -7.72
CA GLN B 48 -3.11 -7.12 -6.72
C GLN B 48 -3.13 -8.60 -7.13
N THR B 49 -3.48 -8.90 -8.38
CA THR B 49 -3.55 -10.30 -8.78
C THR B 49 -2.23 -10.87 -9.27
N ALA B 50 -1.28 -10.04 -9.65
CA ALA B 50 0.00 -10.55 -10.12
C ALA B 50 1.11 -9.50 -10.19
N ILE B 51 2.34 -9.96 -10.34
CA ILE B 51 3.49 -9.10 -10.44
C ILE B 51 4.50 -9.82 -11.32
N LEU B 52 5.09 -9.12 -12.25
CA LEU B 52 6.13 -9.62 -13.09
C LEU B 52 7.29 -8.83 -12.56
N GLN B 53 8.37 -9.46 -12.13
CA GLN B 53 9.45 -8.69 -11.51
C GLN B 53 10.78 -9.41 -11.36
N THR B 54 11.88 -8.68 -11.29
CA THR B 54 13.18 -9.28 -11.11
C THR B 54 14.11 -8.24 -10.50
N GLY B 55 15.11 -8.69 -9.76
CA GLY B 55 16.04 -7.78 -9.14
C GLY B 55 16.95 -8.58 -8.25
N PHE B 56 17.50 -7.95 -7.21
CA PHE B 56 18.38 -8.67 -6.32
C PHE B 56 18.12 -8.28 -4.88
N ASP B 57 18.47 -9.14 -3.94
CA ASP B 57 18.26 -8.85 -2.54
C ASP B 57 19.57 -8.91 -1.77
N TRP B 58 19.62 -8.30 -0.60
CA TRP B 58 20.78 -8.31 0.26
C TRP B 58 20.38 -8.72 1.69
N TYR B 59 21.32 -9.30 2.45
CA TYR B 59 21.07 -9.71 3.81
C TYR B 59 22.13 -9.15 4.74
N GLY B 60 21.80 -8.93 6.01
CA GLY B 60 22.78 -8.39 6.94
C GLY B 60 24.01 -9.27 7.18
N ASP B 61 24.04 -10.47 6.60
CA ASP B 61 25.16 -11.35 6.79
C ASP B 61 26.12 -11.22 5.62
N GLY B 62 25.95 -10.18 4.80
CA GLY B 62 26.81 -9.97 3.65
C GLY B 62 26.49 -10.76 2.40
N THR B 63 25.47 -11.61 2.43
CA THR B 63 25.11 -12.39 1.25
C THR B 63 24.19 -11.65 0.28
N TYR B 64 23.98 -12.21 -0.91
CA TYR B 64 23.13 -11.59 -1.91
C TYR B 64 22.40 -12.65 -2.72
N ASP B 65 21.47 -12.22 -3.58
CA ASP B 65 20.73 -13.15 -4.41
C ASP B 65 20.11 -12.41 -5.58
N ALA B 66 20.23 -12.90 -6.81
CA ALA B 66 19.54 -12.26 -7.93
C ALA B 66 18.28 -13.13 -8.05
N TRP B 67 17.14 -12.58 -8.43
CA TRP B 67 15.95 -13.40 -8.50
C TRP B 67 14.89 -12.93 -9.48
N TYR B 68 13.89 -13.75 -9.72
CA TYR B 68 12.78 -13.38 -10.61
C TYR B 68 11.48 -13.91 -9.99
N GLU B 69 10.32 -13.31 -10.28
CA GLU B 69 9.12 -13.82 -9.71
C GLU B 69 7.84 -13.42 -10.42
N TRP B 70 6.93 -14.37 -10.59
CA TRP B 70 5.65 -14.10 -11.16
C TRP B 70 4.69 -14.30 -10.00
N TYR B 71 4.48 -13.25 -9.20
CA TYR B 71 3.58 -13.34 -8.08
C TYR B 71 2.25 -13.72 -8.71
N PRO B 72 1.36 -14.45 -8.01
CA PRO B 72 1.45 -15.00 -6.65
C PRO B 72 2.36 -16.23 -6.43
N GLU B 73 3.07 -16.67 -7.46
CA GLU B 73 3.96 -17.82 -7.35
C GLU B 73 5.16 -17.41 -6.49
N VAL B 74 5.81 -18.34 -5.80
CA VAL B 74 6.97 -18.01 -4.97
C VAL B 74 8.10 -17.58 -5.88
N SER B 75 9.02 -16.73 -5.41
CA SER B 75 10.14 -16.30 -6.22
C SER B 75 11.14 -17.44 -6.33
N ASP B 76 12.18 -17.23 -7.12
CA ASP B 76 13.20 -18.21 -7.37
C ASP B 76 14.49 -17.47 -7.71
N ASP B 77 15.64 -17.98 -7.28
CA ASP B 77 16.90 -17.31 -7.56
C ASP B 77 17.54 -17.75 -8.89
N PHE B 78 18.37 -16.89 -9.49
CA PHE B 78 19.07 -17.20 -10.74
C PHE B 78 20.38 -17.91 -10.41
N SER B 79 20.76 -18.94 -11.17
CA SER B 79 21.97 -19.69 -10.89
C SER B 79 23.25 -19.20 -11.55
N GLY B 80 23.14 -18.63 -12.75
CA GLY B 80 24.34 -18.21 -13.44
C GLY B 80 24.79 -16.77 -13.31
N ILE B 81 24.91 -16.26 -12.09
CA ILE B 81 25.33 -14.89 -11.88
C ILE B 81 25.70 -14.60 -10.44
N THR B 82 26.55 -13.60 -10.22
CA THR B 82 26.93 -13.25 -8.87
C THR B 82 26.55 -11.81 -8.60
N ILE B 83 26.29 -11.49 -7.34
CA ILE B 83 25.94 -10.15 -6.93
C ILE B 83 26.93 -9.82 -5.83
N SER B 84 27.69 -8.74 -6.02
CA SER B 84 28.67 -8.36 -5.04
C SER B 84 28.53 -6.86 -4.77
N GLU B 85 28.99 -6.39 -3.61
CA GLU B 85 28.93 -4.99 -3.27
C GLU B 85 29.50 -4.15 -4.42
N GLY B 86 28.83 -3.08 -4.81
CA GLY B 86 29.32 -2.24 -5.89
C GLY B 86 28.94 -2.65 -7.30
N ASP B 87 28.48 -3.87 -7.50
CA ASP B 87 28.12 -4.31 -8.83
C ASP B 87 27.07 -3.38 -9.44
N SER B 88 26.90 -3.40 -10.75
CA SER B 88 25.90 -2.57 -11.38
C SER B 88 24.97 -3.53 -12.11
N ILE B 89 23.69 -3.57 -11.74
CA ILE B 89 22.80 -4.53 -12.34
C ILE B 89 21.71 -3.97 -13.22
N GLN B 90 21.75 -4.31 -14.50
CA GLN B 90 20.74 -3.86 -15.42
C GLN B 90 19.62 -4.87 -15.22
N MET B 91 18.40 -4.40 -14.98
CA MET B 91 17.30 -5.31 -14.75
C MET B 91 16.12 -4.87 -15.58
N SER B 92 15.30 -5.79 -16.08
CA SER B 92 14.13 -5.39 -16.86
C SER B 92 13.09 -6.48 -16.99
N VAL B 93 11.82 -6.10 -17.11
CA VAL B 93 10.77 -7.06 -17.30
C VAL B 93 9.96 -6.68 -18.56
N THR B 94 9.44 -7.67 -19.28
CA THR B 94 8.65 -7.41 -20.46
C THR B 94 7.36 -8.22 -20.40
N ALA B 95 6.21 -7.57 -20.37
CA ALA B 95 4.93 -8.26 -20.33
C ALA B 95 4.42 -8.40 -21.75
N THR B 96 4.34 -9.63 -22.27
CA THR B 96 3.86 -9.87 -23.61
C THR B 96 2.36 -10.19 -23.63
N SER B 97 1.71 -10.19 -22.47
CA SER B 97 0.28 -10.47 -22.33
C SER B 97 -0.03 -10.61 -20.85
N ASP B 98 -1.31 -10.60 -20.46
CA ASP B 98 -1.67 -10.73 -19.05
C ASP B 98 -1.12 -12.00 -18.40
N THR B 99 -0.65 -12.97 -19.20
CA THR B 99 -0.15 -14.20 -18.64
C THR B 99 1.18 -14.67 -19.22
N SER B 100 1.92 -13.80 -19.90
CA SER B 100 3.20 -14.18 -20.47
C SER B 100 4.18 -12.99 -20.45
N GLY B 101 5.46 -13.27 -20.68
CA GLY B 101 6.46 -12.21 -20.67
C GLY B 101 7.84 -12.78 -20.33
N SER B 102 8.79 -11.91 -20.00
CA SER B 102 10.13 -12.36 -19.62
C SER B 102 10.79 -11.42 -18.60
N ALA B 103 11.98 -11.81 -18.14
CA ALA B 103 12.69 -11.03 -17.16
C ALA B 103 14.18 -11.25 -17.36
N THR B 104 14.99 -10.20 -17.27
CA THR B 104 16.39 -10.34 -17.49
C THR B 104 17.17 -9.58 -16.46
N LEU B 105 18.30 -10.15 -16.04
CA LEU B 105 19.16 -9.56 -15.04
C LEU B 105 20.56 -9.61 -15.61
N GLU B 106 21.17 -8.45 -15.82
CA GLU B 106 22.50 -8.42 -16.38
C GLU B 106 23.45 -7.69 -15.47
N ASN B 107 24.51 -8.37 -15.02
CA ASN B 107 25.48 -7.75 -14.17
C ASN B 107 26.48 -7.02 -15.05
N LEU B 108 26.33 -5.72 -15.19
CA LEU B 108 27.23 -4.93 -16.02
C LEU B 108 28.67 -4.97 -15.50
N THR B 109 28.88 -5.34 -14.24
CA THR B 109 30.23 -5.41 -13.69
C THR B 109 30.89 -6.74 -14.05
N THR B 110 30.15 -7.84 -14.03
CA THR B 110 30.72 -9.15 -14.34
C THR B 110 30.30 -9.66 -15.71
N GLY B 111 29.63 -8.85 -16.51
CA GLY B 111 29.21 -9.28 -17.83
C GLY B 111 28.24 -10.46 -17.82
N GLN B 112 27.94 -11.00 -16.63
CA GLN B 112 27.02 -12.14 -16.57
C GLN B 112 25.58 -11.71 -16.83
N LYS B 113 24.82 -12.55 -17.51
CA LYS B 113 23.47 -12.20 -17.82
C LYS B 113 22.58 -13.43 -17.78
N VAL B 114 21.47 -13.36 -17.05
CA VAL B 114 20.55 -14.47 -16.96
C VAL B 114 19.16 -14.06 -17.47
N SER B 115 18.30 -15.03 -17.77
CA SER B 115 16.98 -14.72 -18.28
C SER B 115 15.91 -15.77 -17.94
N LYS B 116 14.64 -15.38 -17.95
CA LYS B 116 13.56 -16.30 -17.62
C LYS B 116 12.27 -15.91 -18.33
N SER B 117 11.59 -16.86 -18.98
CA SER B 117 10.33 -16.60 -19.70
C SER B 117 9.10 -17.14 -18.99
N PHE B 118 7.97 -16.47 -19.14
CA PHE B 118 6.76 -16.88 -18.49
C PHE B 118 5.67 -17.06 -19.57
N SER B 119 4.86 -18.11 -19.45
CA SER B 119 3.83 -18.39 -20.42
C SER B 119 2.64 -19.08 -19.76
N ASN B 120 1.43 -18.64 -20.10
CA ASN B 120 0.22 -19.21 -19.57
C ASN B 120 0.25 -19.42 -18.06
N GLU B 121 0.81 -18.46 -17.34
CA GLU B 121 0.88 -18.52 -15.89
C GLU B 121 -0.54 -18.56 -15.34
N SER B 122 -0.87 -19.64 -14.63
CA SER B 122 -2.20 -19.83 -14.09
C SER B 122 -2.38 -19.13 -12.74
N SER B 123 -1.32 -19.08 -11.95
CA SER B 123 -1.34 -18.48 -10.63
C SER B 123 -2.14 -17.18 -10.60
N GLY B 124 -1.76 -16.22 -11.43
CA GLY B 124 -2.44 -14.94 -11.45
C GLY B 124 -2.18 -14.22 -12.75
N SER B 125 -3.08 -13.30 -13.09
CA SER B 125 -2.97 -12.54 -14.32
C SER B 125 -2.62 -11.08 -14.04
N LEU B 126 -1.76 -10.51 -14.88
CA LEU B 126 -1.37 -9.13 -14.73
C LEU B 126 -2.52 -8.21 -15.15
N CYS B 127 -2.52 -6.97 -14.69
CA CYS B 127 -3.55 -6.06 -15.14
C CYS B 127 -2.74 -5.14 -16.05
N ARG B 128 -1.43 -5.08 -15.80
CA ARG B 128 -0.50 -4.23 -16.52
C ARG B 128 -0.84 -2.77 -16.25
N THR B 129 -1.38 -2.49 -15.06
CA THR B 129 -1.72 -1.14 -14.69
C THR B 129 -0.71 -0.47 -13.74
N ASN B 130 0.35 -1.16 -13.35
CA ASN B 130 1.36 -0.59 -12.47
C ASN B 130 2.74 -0.87 -13.04
N ALA B 131 3.67 0.08 -12.90
CA ALA B 131 5.04 -0.10 -13.36
C ALA B 131 5.86 0.48 -12.22
N GLU B 132 6.98 -0.15 -11.83
CA GLU B 132 7.68 0.38 -10.68
C GLU B 132 9.16 0.11 -10.53
N PHE B 133 9.83 0.95 -9.72
CA PHE B 133 11.24 0.83 -9.36
C PHE B 133 11.19 0.80 -7.81
N ILE B 134 11.51 -0.34 -7.23
CA ILE B 134 11.31 -0.50 -5.81
C ILE B 134 12.45 -1.03 -4.94
N ILE B 135 12.50 -0.53 -3.71
CA ILE B 135 13.36 -0.97 -2.65
C ILE B 135 12.32 -1.55 -1.71
N GLU B 136 12.43 -2.81 -1.28
CA GLU B 136 11.36 -3.38 -0.49
C GLU B 136 11.73 -4.22 0.73
N ASP B 137 10.90 -4.11 1.74
CA ASP B 137 10.97 -4.95 2.89
C ASP B 137 10.07 -6.12 2.51
N PHE B 138 10.64 -7.21 2.00
CA PHE B 138 9.84 -8.34 1.55
C PHE B 138 9.50 -9.36 2.65
N GLU B 139 8.92 -10.50 2.28
CA GLU B 139 8.57 -11.49 3.25
C GLU B 139 9.07 -12.92 3.02
N GLU B 140 9.04 -13.70 4.10
CA GLU B 140 9.45 -15.09 4.05
C GLU B 140 8.30 -15.92 4.60
N CYS B 141 7.89 -16.94 3.86
CA CYS B 141 6.81 -17.80 4.29
C CYS B 141 7.23 -19.23 3.99
N ASN B 142 6.26 -20.15 3.96
CA ASN B 142 6.53 -21.53 3.63
C ASN B 142 6.29 -21.65 2.12
N SER B 143 6.64 -22.79 1.53
CA SER B 143 6.45 -23.00 0.10
C SER B 143 5.08 -22.51 -0.37
N ASN B 144 4.04 -22.89 0.36
CA ASN B 144 2.67 -22.52 0.06
C ASN B 144 2.50 -21.03 -0.18
N GLY B 145 2.72 -20.22 0.85
CA GLY B 145 2.57 -18.78 0.74
C GLY B 145 1.83 -18.24 1.95
N SER B 146 1.78 -19.04 3.01
CA SER B 146 1.13 -18.67 4.26
C SER B 146 2.18 -18.59 5.37
N ASP B 147 1.76 -18.36 6.62
CA ASP B 147 2.70 -18.24 7.72
C ASP B 147 3.81 -17.29 7.29
N CYS B 148 3.46 -16.12 6.74
CA CYS B 148 4.46 -15.19 6.28
C CYS B 148 4.95 -14.24 7.36
N GLU B 149 6.12 -13.66 7.14
CA GLU B 149 6.70 -12.72 8.05
C GLU B 149 7.50 -11.74 7.21
N PHE B 150 7.45 -10.46 7.57
CA PHE B 150 8.22 -9.50 6.88
C PHE B 150 9.59 -9.57 7.45
N VAL B 151 10.62 -9.61 6.61
CA VAL B 151 11.97 -9.69 7.09
C VAL B 151 12.37 -8.41 7.78
N PRO B 152 13.35 -8.48 8.68
CA PRO B 152 13.75 -7.23 9.33
C PRO B 152 14.40 -6.39 8.25
N PHE B 153 14.11 -5.10 8.20
CA PHE B 153 14.66 -4.26 7.18
C PHE B 153 16.10 -3.86 7.42
N ALA B 154 17.03 -4.43 6.65
CA ALA B 154 18.43 -4.12 6.80
C ALA B 154 18.77 -2.68 6.51
N SER B 155 19.74 -2.11 7.22
CA SER B 155 20.13 -0.78 6.92
C SER B 155 21.09 -1.00 5.75
N PHE B 156 21.26 -0.02 4.88
CA PHE B 156 22.13 -0.23 3.76
C PHE B 156 22.82 1.06 3.35
N SER B 157 23.86 0.97 2.53
CA SER B 157 24.57 2.13 2.01
C SER B 157 25.56 1.72 0.93
N PRO B 158 25.85 2.61 -0.02
CA PRO B 158 25.24 3.94 -0.06
C PRO B 158 23.81 3.86 -0.59
N ALA B 159 23.23 4.98 -0.97
CA ALA B 159 21.91 5.00 -1.48
C ALA B 159 21.82 4.08 -2.70
N VAL B 160 20.69 3.40 -2.88
CA VAL B 160 20.53 2.57 -4.04
C VAL B 160 19.87 3.44 -5.07
N GLU B 161 20.44 3.53 -6.25
CA GLU B 161 19.90 4.38 -7.27
C GLU B 161 19.54 3.63 -8.55
N PHE B 162 18.32 3.84 -9.05
CA PHE B 162 17.90 3.24 -10.29
C PHE B 162 18.18 4.29 -11.36
N THR B 163 19.14 4.02 -12.24
CA THR B 163 19.52 4.93 -13.30
C THR B 163 18.93 4.56 -14.67
N ASP B 164 18.82 5.51 -15.59
CA ASP B 164 18.27 5.22 -16.91
C ASP B 164 16.96 4.48 -16.77
N CYS B 165 16.08 4.98 -15.91
CA CYS B 165 14.82 4.34 -15.73
C CYS B 165 13.99 4.45 -17.01
N SER B 166 13.37 3.34 -17.43
CA SER B 166 12.59 3.34 -18.63
C SER B 166 11.30 2.56 -18.48
N VAL B 167 10.18 3.15 -18.92
CA VAL B 167 8.88 2.51 -18.86
C VAL B 167 8.15 2.73 -20.19
N THR B 168 7.49 1.71 -20.73
CA THR B 168 6.77 1.87 -21.98
C THR B 168 5.31 1.39 -21.86
N SER B 169 4.37 2.16 -22.38
CA SER B 169 2.97 1.81 -22.34
C SER B 169 2.52 1.62 -23.79
N ASP B 170 2.67 0.41 -24.31
CA ASP B 170 2.31 0.10 -25.69
C ASP B 170 3.41 0.57 -26.64
N GLY B 171 4.67 0.43 -26.23
CA GLY B 171 5.77 0.83 -27.08
C GLY B 171 6.22 2.28 -26.96
N GLU B 172 5.47 3.09 -26.22
CA GLU B 172 5.79 4.50 -26.03
C GLU B 172 6.42 4.75 -24.67
N SER B 173 7.56 5.45 -24.61
CA SER B 173 8.18 5.75 -23.32
C SER B 173 7.18 6.52 -22.47
N VAL B 174 7.07 6.22 -21.18
CA VAL B 174 6.14 6.95 -20.31
C VAL B 174 6.95 7.85 -19.38
N SER B 175 6.43 9.02 -19.06
CA SER B 175 7.11 9.96 -18.20
C SER B 175 7.21 9.55 -16.74
N LEU B 176 8.42 9.58 -16.19
CA LEU B 176 8.68 9.24 -14.80
C LEU B 176 8.16 10.39 -13.93
N ASP B 177 7.66 11.45 -14.56
CA ASP B 177 7.15 12.62 -13.88
C ASP B 177 5.74 12.45 -13.30
N ASP B 178 5.01 11.43 -13.71
CA ASP B 178 3.67 11.18 -13.18
C ASP B 178 3.74 10.12 -12.07
N ALA B 179 4.89 9.47 -11.95
CA ALA B 179 5.12 8.45 -10.97
C ALA B 179 4.79 8.87 -9.55
N GLN B 180 4.20 7.96 -8.78
CA GLN B 180 3.90 8.25 -7.41
C GLN B 180 5.14 7.87 -6.61
N ILE B 181 5.42 8.54 -5.50
CA ILE B 181 6.60 8.21 -4.70
C ILE B 181 6.18 7.57 -3.38
N THR B 182 6.72 6.39 -3.08
CA THR B 182 6.38 5.71 -1.85
C THR B 182 7.64 5.50 -1.00
N GLN B 183 7.50 5.41 0.31
CA GLN B 183 8.62 5.20 1.20
C GLN B 183 8.40 3.94 2.03
N VAL B 184 9.44 3.18 2.35
CA VAL B 184 9.26 2.03 3.21
C VAL B 184 9.00 2.68 4.57
N ILE B 185 7.86 2.39 5.21
CA ILE B 185 7.54 2.98 6.51
C ILE B 185 7.38 1.87 7.56
N ILE B 186 8.07 1.97 8.70
CA ILE B 186 8.01 0.95 9.75
C ILE B 186 7.73 1.65 11.09
N ASN B 187 6.76 1.15 11.87
CA ASN B 187 6.38 1.81 13.11
C ASN B 187 6.09 3.32 12.87
N ASN B 188 5.47 3.63 11.73
CA ASN B 188 5.13 4.98 11.36
C ASN B 188 6.32 5.92 11.23
N GLN B 189 7.46 5.37 10.85
CA GLN B 189 8.68 6.15 10.65
C GLN B 189 9.32 5.75 9.31
N ASP B 190 9.65 6.71 8.48
CA ASP B 190 10.29 6.39 7.21
C ASP B 190 11.66 5.78 7.41
N VAL B 191 11.94 4.64 6.78
CA VAL B 191 13.27 4.05 6.87
C VAL B 191 13.95 4.23 5.50
N THR B 192 13.23 4.80 4.53
CA THR B 192 13.83 5.10 3.26
C THR B 192 13.51 6.55 2.93
N ASP B 193 14.31 7.13 2.07
CA ASP B 193 14.12 8.48 1.61
C ASP B 193 14.32 8.30 0.12
N CYS B 194 13.24 8.02 -0.58
CA CYS B 194 13.30 7.79 -1.98
C CYS B 194 12.85 9.04 -2.72
N SER B 195 13.47 9.32 -3.86
CA SER B 195 13.14 10.50 -4.64
C SER B 195 13.41 10.29 -6.12
N VAL B 196 12.64 10.97 -6.95
CA VAL B 196 12.81 10.88 -8.37
C VAL B 196 13.37 12.20 -8.88
N SER B 197 14.28 12.11 -9.85
CA SER B 197 14.89 13.26 -10.46
C SER B 197 15.38 12.82 -11.83
N GLY B 198 14.78 13.34 -12.91
CA GLY B 198 15.18 12.96 -14.25
C GLY B 198 14.83 11.51 -14.52
N THR B 199 15.82 10.70 -14.89
CA THR B 199 15.56 9.30 -15.15
C THR B 199 16.16 8.49 -14.03
N THR B 200 16.37 9.12 -12.88
CA THR B 200 16.93 8.43 -11.76
C THR B 200 16.02 8.41 -10.54
N VAL B 201 15.76 7.21 -10.03
CA VAL B 201 14.97 7.03 -8.83
C VAL B 201 16.06 6.78 -7.79
N SER B 202 16.13 7.59 -6.74
CA SER B 202 17.17 7.44 -5.73
C SER B 202 16.65 7.10 -4.32
N CYS B 203 17.13 6.03 -3.70
CA CYS B 203 16.67 5.68 -2.38
C CYS B 203 17.74 5.44 -1.32
N SER B 204 17.78 6.25 -0.28
CA SER B 204 18.75 6.03 0.77
C SER B 204 18.08 5.47 2.04
N TYR B 205 18.87 4.85 2.91
CA TYR B 205 18.32 4.32 4.13
C TYR B 205 18.20 5.47 5.12
N VAL B 206 17.22 5.44 6.02
CA VAL B 206 17.05 6.50 6.98
C VAL B 206 17.04 5.92 8.41
N PHE C 2 -3.01 2.49 21.66
CA PHE C 2 -3.44 3.67 20.96
C PHE C 2 -3.69 3.30 19.50
N LYS C 3 -4.80 3.77 18.94
CA LYS C 3 -5.17 3.42 17.60
C LYS C 3 -4.73 4.35 16.49
N PHE C 4 -4.13 3.78 15.44
CA PHE C 4 -3.69 4.52 14.30
C PHE C 4 -4.35 3.95 13.07
N LEU C 6 -2.13 4.28 7.93
CA LEU C 6 -1.57 4.43 6.61
C LEU C 6 -1.80 3.18 5.80
N PHE D 2 10.87 -19.13 2.07
CA PHE D 2 10.62 -18.86 0.68
C PHE D 2 10.31 -17.38 0.56
N LYS D 3 11.08 -16.69 -0.27
CA LYS D 3 10.91 -15.28 -0.46
C LYS D 3 9.79 -14.88 -1.41
N PHE D 4 8.91 -13.97 -0.98
CA PHE D 4 7.82 -13.46 -1.82
C PHE D 4 7.99 -11.94 -1.91
N LEU D 6 3.71 -8.34 -2.87
CA LEU D 6 2.64 -7.41 -3.16
C LEU D 6 2.82 -6.14 -2.29
#